data_6RU6
#
_entry.id   6RU6
#
_cell.length_a   171.937
_cell.length_b   48.924
_cell.length_c   85.199
_cell.angle_alpha   90.000
_cell.angle_beta   109.720
_cell.angle_gamma   90.000
#
_symmetry.space_group_name_H-M   'C 1 2 1'
#
loop_
_entity.id
_entity.type
_entity.pdbx_description
1 polymer 'Casein kinase I isoform delta'
2 polymer 'Tumor protein 63'
3 non-polymer 'PHOSPHOMETHYLPHOSPHONIC ACID ADENYLATE ESTER'
4 non-polymer 'SODIUM ION'
5 non-polymer 1,2-ETHANEDIOL
6 non-polymer 'SULFATE ION'
7 water water
#
loop_
_entity_poly.entity_id
_entity_poly.type
_entity_poly.pdbx_seq_one_letter_code
_entity_poly.pdbx_strand_id
1 'polypeptide(L)'
;SMMELRVGNRYRLGRKIGSGSFGDIYLGTDIAAGEEVAIKLECVKTKHPQLHIESKIYKMMQGGVGIPTIRWCGAEGDYN
VMVMELLGPSLEDLFNFCSRKFSLKTVLLLADQMISRIEYIHSKNFIHRDVKPDNFLMGLGKKGNLVYIIDFGLAKKYRD
ARTHQHIPYRENKNLTGTARYASINTHLGIEQSRRDDLESLGYVLMYFNLGSLPWQGLKAATKRQKYERISEKKMSTPIE
VLCKGYPSEFATYLNFCRSLRFDDKPDYSYLRQLFRNLFHRQGFSYDYVFDWNMLK
;
A,B
2 'polypeptide(L)' RTP(SEP)SASTVSVGY C
#
loop_
_chem_comp.id
_chem_comp.type
_chem_comp.name
_chem_comp.formula
ACP non-polymer 'PHOSPHOMETHYLPHOSPHONIC ACID ADENYLATE ESTER' 'C11 H18 N5 O12 P3'
EDO non-polymer 1,2-ETHANEDIOL 'C2 H6 O2'
NA non-polymer 'SODIUM ION' 'Na 1'
SO4 non-polymer 'SULFATE ION' 'O4 S -2'
#
# COMPACT_ATOMS: atom_id res chain seq x y z
N LEU A 5 -42.75 -7.50 30.15
CA LEU A 5 -43.51 -6.26 29.80
C LEU A 5 -43.96 -6.32 28.32
N ARG A 6 -45.03 -5.59 27.97
CA ARG A 6 -45.49 -5.41 26.57
C ARG A 6 -44.52 -4.50 25.86
N VAL A 7 -44.64 -4.39 24.53
CA VAL A 7 -44.17 -3.24 23.70
C VAL A 7 -44.88 -3.31 22.36
N GLY A 8 -45.34 -2.17 21.84
CA GLY A 8 -45.89 -2.04 20.48
C GLY A 8 -47.02 -3.03 20.23
N ASN A 9 -47.83 -3.29 21.27
CA ASN A 9 -49.08 -4.09 21.21
C ASN A 9 -48.77 -5.59 21.29
N ARG A 10 -47.87 -6.10 20.42
CA ARG A 10 -47.85 -7.53 20.03
C ARG A 10 -46.51 -8.18 20.36
N TYR A 11 -45.64 -7.48 21.10
CA TYR A 11 -44.27 -7.93 21.42
C TYR A 11 -44.15 -8.06 22.93
N ARG A 12 -43.56 -9.15 23.37
CA ARG A 12 -43.29 -9.40 24.80
C ARG A 12 -41.78 -9.38 25.02
N LEU A 13 -41.33 -8.58 25.97
CA LEU A 13 -39.90 -8.41 26.32
C LEU A 13 -39.44 -9.60 27.13
N GLY A 14 -38.31 -10.18 26.79
CA GLY A 14 -37.62 -11.19 27.61
C GLY A 14 -36.36 -10.63 28.23
N ARG A 15 -35.42 -11.50 28.58
CA ARG A 15 -34.13 -11.16 29.21
C ARG A 15 -33.14 -10.67 28.16
N LYS A 16 -32.11 -9.97 28.60
CA LYS A 16 -31.01 -9.45 27.76
C LYS A 16 -30.33 -10.63 27.05
N ILE A 17 -29.85 -10.41 25.83
CA ILE A 17 -28.95 -11.34 25.11
C ILE A 17 -27.64 -10.60 24.79
N GLY A 18 -27.60 -9.28 25.06
CA GLY A 18 -26.37 -8.48 25.20
C GLY A 18 -26.65 -6.99 25.42
N SER A 19 -25.59 -6.18 25.58
CA SER A 19 -25.64 -4.71 25.78
C SER A 19 -24.60 -4.01 24.90
N ASP A 24 -29.38 -1.58 24.68
CA ASP A 24 -29.30 -3.01 25.06
C ASP A 24 -30.28 -3.83 24.23
N ILE A 25 -29.99 -5.12 24.04
CA ILE A 25 -30.75 -6.07 23.19
C ILE A 25 -31.36 -7.14 24.10
N TYR A 26 -32.64 -7.45 23.89
CA TYR A 26 -33.40 -8.43 24.73
C TYR A 26 -34.04 -9.47 23.81
N LEU A 27 -34.18 -10.71 24.28
CA LEU A 27 -35.09 -11.71 23.67
C LEU A 27 -36.52 -11.17 23.78
N GLY A 28 -37.30 -11.34 22.71
CA GLY A 28 -38.72 -11.01 22.66
C GLY A 28 -39.48 -12.07 21.94
N THR A 29 -40.79 -12.01 22.01
CA THR A 29 -41.70 -12.77 21.15
C THR A 29 -42.63 -11.80 20.44
N ASP A 30 -42.80 -12.00 19.17
CA ASP A 30 -43.96 -11.54 18.41
C ASP A 30 -45.15 -12.48 18.73
N ILE A 31 -45.98 -12.04 19.66
CA ILE A 31 -47.12 -12.83 20.20
C ILE A 31 -48.11 -13.13 19.06
N ALA A 32 -48.29 -12.20 18.12
CA ALA A 32 -49.28 -12.31 17.03
C ALA A 32 -48.80 -13.33 15.99
N ALA A 33 -47.50 -13.36 15.70
CA ALA A 33 -46.89 -14.20 14.64
C ALA A 33 -46.43 -15.55 15.22
N GLY A 34 -46.06 -15.58 16.49
CA GLY A 34 -45.48 -16.80 17.12
C GLY A 34 -44.02 -17.00 16.73
N GLU A 35 -43.23 -15.94 16.81
CA GLU A 35 -41.83 -15.91 16.30
C GLU A 35 -40.98 -15.12 17.30
N GLU A 36 -39.83 -15.66 17.68
CA GLU A 36 -38.84 -14.98 18.53
C GLU A 36 -38.25 -13.80 17.72
N VAL A 37 -38.00 -12.69 18.41
CA VAL A 37 -37.47 -11.44 17.85
C VAL A 37 -36.36 -10.95 18.80
N ALA A 38 -35.59 -9.97 18.37
CA ALA A 38 -34.67 -9.21 19.23
C ALA A 38 -35.26 -7.81 19.38
N ILE A 39 -35.20 -7.28 20.59
CA ILE A 39 -35.73 -5.93 20.94
C ILE A 39 -34.57 -5.09 21.51
N LYS A 40 -34.19 -4.04 20.80
CA LYS A 40 -33.23 -3.02 21.26
C LYS A 40 -34.00 -1.89 21.95
N LEU A 41 -33.63 -1.59 23.19
CA LEU A 41 -34.20 -0.48 23.99
C LEU A 41 -33.13 0.59 24.17
N GLU A 42 -33.53 1.85 24.03
CA GLU A 42 -32.70 3.04 24.32
C GLU A 42 -33.55 3.98 25.19
N CYS A 43 -33.12 4.23 26.43
CA CYS A 43 -33.75 5.25 27.33
C CYS A 43 -33.93 6.56 26.55
N VAL A 44 -35.13 7.17 26.60
CA VAL A 44 -35.45 8.45 25.87
C VAL A 44 -34.47 9.54 26.32
N LYS A 45 -34.13 9.56 27.62
CA LYS A 45 -33.36 10.65 28.28
C LYS A 45 -31.87 10.51 27.98
N THR A 46 -31.42 9.36 27.43
CA THR A 46 -30.01 9.11 27.06
C THR A 46 -29.43 10.36 26.40
N LYS A 47 -28.16 10.67 26.68
CA LYS A 47 -27.51 11.94 26.28
C LYS A 47 -27.49 12.01 24.74
N HIS A 48 -27.13 10.90 24.10
CA HIS A 48 -26.78 10.80 22.66
C HIS A 48 -27.67 9.76 22.00
N PRO A 49 -28.96 10.13 21.74
CA PRO A 49 -29.89 9.26 21.01
C PRO A 49 -29.38 8.82 19.63
N GLN A 50 -29.27 7.50 19.42
CA GLN A 50 -28.68 6.89 18.20
C GLN A 50 -29.57 5.77 17.64
N LEU A 51 -30.33 5.08 18.50
CA LEU A 51 -31.26 4.00 18.04
C LEU A 51 -32.05 4.52 16.84
N HIS A 52 -32.68 5.69 16.98
CA HIS A 52 -33.61 6.26 15.97
C HIS A 52 -32.85 6.48 14.66
N ILE A 53 -31.56 6.77 14.78
CA ILE A 53 -30.65 6.94 13.62
C ILE A 53 -30.39 5.56 13.00
N GLU A 54 -30.03 4.58 13.84
CA GLU A 54 -29.75 3.20 13.38
C GLU A 54 -30.98 2.64 12.63
N SER A 55 -32.19 2.96 13.12
CA SER A 55 -33.48 2.45 12.58
C SER A 55 -33.69 2.97 11.16
N LYS A 56 -33.37 4.25 10.93
CA LYS A 56 -33.55 4.88 9.60
C LYS A 56 -32.60 4.23 8.57
N ILE A 57 -31.39 3.83 9.01
CA ILE A 57 -30.39 3.15 8.14
C ILE A 57 -30.90 1.74 7.80
N TYR A 58 -31.32 0.98 8.81
CA TYR A 58 -31.87 -0.38 8.61
C TYR A 58 -33.02 -0.32 7.61
N LYS A 59 -33.85 0.72 7.71
CA LYS A 59 -35.05 0.96 6.86
C LYS A 59 -34.64 1.13 5.39
N MET A 60 -33.61 1.93 5.10
CA MET A 60 -33.06 2.12 3.72
C MET A 60 -32.50 0.77 3.20
N MET A 61 -32.01 -0.11 4.10
CA MET A 61 -31.28 -1.37 3.74
C MET A 61 -32.26 -2.53 3.49
N GLN A 62 -33.54 -2.39 3.89
CA GLN A 62 -34.52 -3.49 3.91
C GLN A 62 -34.67 -4.05 2.49
N GLY A 63 -34.89 -5.36 2.38
CA GLY A 63 -34.89 -6.09 1.11
C GLY A 63 -33.55 -6.73 0.87
N GLY A 64 -32.52 -6.19 1.51
CA GLY A 64 -31.15 -6.71 1.42
C GLY A 64 -31.01 -8.08 2.07
N VAL A 65 -30.53 -9.07 1.30
CA VAL A 65 -29.95 -10.32 1.83
C VAL A 65 -28.94 -9.99 2.95
N GLY A 66 -29.09 -10.62 4.10
CA GLY A 66 -28.18 -10.49 5.25
C GLY A 66 -28.27 -9.13 5.93
N ILE A 67 -29.35 -8.40 5.69
CA ILE A 67 -29.75 -7.22 6.53
C ILE A 67 -30.92 -7.66 7.42
N PRO A 68 -30.80 -7.55 8.77
CA PRO A 68 -31.91 -7.91 9.65
C PRO A 68 -33.14 -7.07 9.30
N THR A 69 -34.31 -7.70 9.34
CA THR A 69 -35.63 -7.07 9.16
C THR A 69 -35.97 -6.29 10.43
N ILE A 70 -36.29 -5.03 10.29
CA ILE A 70 -36.82 -4.19 11.38
C ILE A 70 -38.33 -4.35 11.35
N ARG A 71 -38.90 -4.91 12.42
CA ARG A 71 -40.32 -5.36 12.45
C ARG A 71 -41.19 -4.20 12.99
N TRP A 72 -40.64 -3.38 13.86
CA TRP A 72 -41.36 -2.28 14.55
C TRP A 72 -40.35 -1.33 15.19
N CYS A 73 -40.64 -0.03 15.11
CA CYS A 73 -39.92 1.06 15.84
C CYS A 73 -40.95 1.97 16.49
N GLY A 74 -40.59 2.58 17.61
CA GLY A 74 -41.50 3.43 18.42
C GLY A 74 -40.90 3.71 19.78
N ALA A 75 -41.63 4.42 20.62
CA ALA A 75 -41.28 4.69 22.04
C ALA A 75 -42.35 4.10 22.94
N GLU A 76 -41.93 3.56 24.07
CA GLU A 76 -42.81 2.93 25.08
C GLU A 76 -42.34 3.39 26.47
N GLY A 77 -43.18 4.15 27.16
CA GLY A 77 -42.80 4.88 28.40
C GLY A 77 -41.43 5.52 28.26
N ASP A 78 -40.45 5.05 29.04
CA ASP A 78 -39.13 5.69 29.22
C ASP A 78 -38.12 5.23 28.15
N TYR A 79 -38.56 4.50 27.09
CA TYR A 79 -37.63 3.83 26.12
C TYR A 79 -38.06 4.07 24.67
N ASN A 80 -37.08 4.29 23.81
CA ASN A 80 -37.17 4.04 22.36
C ASN A 80 -36.94 2.55 22.13
N VAL A 81 -37.62 1.97 21.14
CA VAL A 81 -37.72 0.51 20.92
C VAL A 81 -37.53 0.22 19.44
N MET A 82 -36.63 -0.68 19.13
CA MET A 82 -36.51 -1.25 17.76
C MET A 82 -36.64 -2.75 17.87
N VAL A 83 -37.65 -3.29 17.22
CA VAL A 83 -37.87 -4.74 17.15
C VAL A 83 -37.32 -5.24 15.82
N MET A 84 -36.47 -6.25 15.88
CA MET A 84 -35.78 -6.79 14.70
C MET A 84 -35.81 -8.32 14.71
N GLU A 85 -35.62 -8.88 13.54
CA GLU A 85 -35.27 -10.29 13.31
C GLU A 85 -34.24 -10.74 14.33
N LEU A 86 -34.44 -11.89 14.92
CA LEU A 86 -33.49 -12.54 15.86
C LEU A 86 -32.42 -13.24 15.05
N LEU A 87 -31.17 -12.94 15.33
CA LEU A 87 -30.01 -13.48 14.59
C LEU A 87 -29.25 -14.42 15.52
N GLY A 88 -28.41 -15.27 14.96
CA GLY A 88 -27.62 -16.24 15.70
C GLY A 88 -26.35 -15.62 16.26
N PRO A 89 -25.34 -16.45 16.60
CA PRO A 89 -24.10 -15.96 17.18
C PRO A 89 -23.23 -15.20 16.16
N SER A 90 -22.41 -14.27 16.66
CA SER A 90 -21.45 -13.48 15.88
C SER A 90 -20.33 -14.40 15.37
N LEU A 91 -19.59 -13.93 14.37
CA LEU A 91 -18.40 -14.64 13.86
C LEU A 91 -17.32 -14.76 14.97
N GLU A 92 -17.23 -13.79 15.88
CA GLU A 92 -16.27 -13.85 17.02
C GLU A 92 -16.69 -14.99 17.96
N ASP A 93 -17.95 -15.04 18.35
CA ASP A 93 -18.51 -16.13 19.17
C ASP A 93 -18.19 -17.47 18.53
N LEU A 94 -18.48 -17.62 17.23
CA LEU A 94 -18.29 -18.92 16.52
C LEU A 94 -16.79 -19.25 16.45
N PHE A 95 -15.95 -18.25 16.24
CA PHE A 95 -14.46 -18.36 16.27
C PHE A 95 -13.98 -18.91 17.64
N ASN A 96 -14.47 -18.35 18.75
CA ASN A 96 -14.17 -18.87 20.12
C ASN A 96 -14.68 -20.30 20.27
N PHE A 97 -15.84 -20.60 19.75
CA PHE A 97 -16.46 -21.96 19.80
C PHE A 97 -15.63 -22.94 18.98
N CYS A 98 -14.88 -22.47 17.98
CA CYS A 98 -14.10 -23.33 17.05
C CYS A 98 -12.64 -23.34 17.49
N SER A 99 -12.36 -22.88 18.72
CA SER A 99 -11.00 -22.84 19.31
C SER A 99 -10.11 -21.86 18.55
N ARG A 100 -10.69 -20.76 18.08
CA ARG A 100 -9.97 -19.62 17.45
C ARG A 100 -9.11 -20.13 16.28
N LYS A 101 -9.60 -21.15 15.55
CA LYS A 101 -9.07 -21.66 14.24
C LYS A 101 -10.24 -21.90 13.28
N PHE A 102 -10.35 -21.13 12.20
CA PHE A 102 -11.23 -21.49 11.06
C PHE A 102 -10.42 -22.19 9.98
N SER A 103 -10.98 -23.20 9.36
CA SER A 103 -10.40 -23.87 8.16
C SER A 103 -10.38 -22.87 6.99
N LEU A 104 -9.52 -23.07 6.01
CA LEU A 104 -9.44 -22.15 4.86
C LEU A 104 -10.83 -22.05 4.21
N LYS A 105 -11.54 -23.19 4.11
CA LYS A 105 -12.84 -23.25 3.43
C LYS A 105 -13.83 -22.33 4.15
N THR A 106 -13.85 -22.37 5.47
CA THR A 106 -14.76 -21.48 6.27
C THR A 106 -14.38 -20.02 6.03
N VAL A 107 -13.12 -19.67 5.99
CA VAL A 107 -12.70 -18.24 5.77
C VAL A 107 -13.24 -17.77 4.41
N LEU A 108 -13.18 -18.63 3.38
CA LEU A 108 -13.53 -18.29 2.00
C LEU A 108 -15.04 -18.21 1.84
N LEU A 109 -15.78 -19.15 2.46
CA LEU A 109 -17.26 -19.11 2.54
C LEU A 109 -17.67 -17.77 3.13
N LEU A 110 -17.08 -17.40 4.26
CA LEU A 110 -17.38 -16.12 4.95
C LEU A 110 -16.93 -14.94 4.06
N ALA A 111 -15.76 -15.02 3.43
CA ALA A 111 -15.23 -13.87 2.66
C ALA A 111 -16.21 -13.53 1.56
N ASP A 112 -16.78 -14.57 0.89
CA ASP A 112 -17.68 -14.38 -0.28
C ASP A 112 -18.92 -13.58 0.12
N GLN A 113 -19.53 -13.90 1.25
CA GLN A 113 -20.78 -13.24 1.70
C GLN A 113 -20.46 -11.87 2.30
N MET A 114 -19.36 -11.76 3.01
CA MET A 114 -18.99 -10.53 3.74
C MET A 114 -18.67 -9.41 2.72
N ILE A 115 -18.03 -9.74 1.60
CA ILE A 115 -17.70 -8.74 0.54
C ILE A 115 -19.03 -8.29 -0.08
N SER A 116 -19.95 -9.23 -0.27
CA SER A 116 -21.32 -9.00 -0.81
C SER A 116 -22.10 -8.08 0.12
N ARG A 117 -22.00 -8.28 1.41
CA ARG A 117 -22.78 -7.47 2.40
C ARG A 117 -22.27 -6.03 2.33
N ILE A 118 -20.97 -5.86 2.31
CA ILE A 118 -20.30 -4.53 2.26
C ILE A 118 -20.68 -3.84 0.95
N GLU A 119 -20.68 -4.57 -0.16
CA GLU A 119 -21.04 -3.99 -1.47
C GLU A 119 -22.50 -3.52 -1.39
N TYR A 120 -23.37 -4.32 -0.77
CA TYR A 120 -24.80 -4.00 -0.68
C TYR A 120 -24.95 -2.67 0.06
N ILE A 121 -24.27 -2.55 1.20
CA ILE A 121 -24.37 -1.33 2.04
C ILE A 121 -23.91 -0.14 1.21
N HIS A 122 -22.80 -0.29 0.47
CA HIS A 122 -22.19 0.80 -0.28
C HIS A 122 -23.16 1.21 -1.39
N SER A 123 -23.91 0.25 -1.95
CA SER A 123 -24.90 0.47 -3.02
C SER A 123 -26.07 1.31 -2.50
N LYS A 124 -26.23 1.36 -1.20
CA LYS A 124 -27.28 2.14 -0.51
C LYS A 124 -26.67 3.39 0.11
N ASN A 125 -25.46 3.76 -0.33
CA ASN A 125 -24.89 5.10 -0.13
C ASN A 125 -24.26 5.22 1.26
N PHE A 126 -24.05 4.13 1.96
CA PHE A 126 -23.45 4.18 3.32
C PHE A 126 -22.11 3.47 3.30
N ILE A 127 -21.22 3.90 4.16
CA ILE A 127 -20.09 3.08 4.65
C ILE A 127 -20.37 2.72 6.09
N HIS A 128 -19.97 1.53 6.48
CA HIS A 128 -20.26 0.91 7.79
C HIS A 128 -19.35 1.52 8.87
N ARG A 129 -18.03 1.45 8.63
CA ARG A 129 -16.92 2.05 9.45
C ARG A 129 -16.67 1.23 10.72
N ASP A 130 -17.22 0.03 10.84
CA ASP A 130 -17.02 -0.79 12.05
C ASP A 130 -17.03 -2.26 11.66
N VAL A 131 -16.31 -2.58 10.60
CA VAL A 131 -16.16 -3.98 10.12
C VAL A 131 -15.22 -4.73 11.09
N LYS A 132 -15.77 -5.76 11.73
CA LYS A 132 -15.11 -6.59 12.75
C LYS A 132 -15.94 -7.84 12.93
N PRO A 133 -15.35 -8.95 13.43
CA PRO A 133 -16.06 -10.22 13.53
C PRO A 133 -17.33 -10.16 14.41
N ASP A 134 -17.41 -9.18 15.32
CA ASP A 134 -18.51 -9.05 16.31
C ASP A 134 -19.74 -8.46 15.62
N ASN A 135 -19.60 -7.87 14.44
CA ASN A 135 -20.72 -7.16 13.77
C ASN A 135 -21.21 -7.94 12.57
N PHE A 136 -20.75 -9.16 12.38
CA PHE A 136 -21.35 -10.18 11.47
C PHE A 136 -21.94 -11.33 12.31
N LEU A 137 -23.23 -11.61 12.14
CA LEU A 137 -23.94 -12.68 12.89
C LEU A 137 -24.46 -13.68 11.87
N MET A 138 -24.36 -14.98 12.13
CA MET A 138 -25.06 -15.99 11.31
C MET A 138 -26.60 -15.85 11.56
N GLY A 139 -27.43 -16.16 10.56
CA GLY A 139 -28.89 -16.31 10.70
C GLY A 139 -29.22 -17.49 11.62
N LEU A 140 -30.51 -17.68 11.91
CA LEU A 140 -31.06 -18.89 12.60
C LEU A 140 -31.98 -19.63 11.65
N GLY A 141 -32.15 -20.92 11.85
CA GLY A 141 -33.15 -21.72 11.14
C GLY A 141 -32.84 -21.73 9.67
N LYS A 142 -33.77 -21.29 8.84
CA LYS A 142 -33.67 -21.38 7.37
C LYS A 142 -32.63 -20.35 6.88
N LYS A 143 -32.26 -19.39 7.73
CA LYS A 143 -31.29 -18.31 7.45
C LYS A 143 -29.91 -18.66 8.04
N GLY A 144 -29.69 -19.91 8.50
CA GLY A 144 -28.50 -20.37 9.27
C GLY A 144 -27.22 -20.47 8.42
N ASN A 145 -27.32 -20.34 7.10
CA ASN A 145 -26.15 -20.33 6.18
C ASN A 145 -25.83 -18.87 5.75
N LEU A 146 -26.59 -17.90 6.24
CA LEU A 146 -26.51 -16.48 5.82
C LEU A 146 -25.70 -15.73 6.85
N VAL A 147 -24.73 -14.95 6.36
CA VAL A 147 -23.98 -13.94 7.16
C VAL A 147 -24.74 -12.62 7.11
N TYR A 148 -25.10 -12.10 8.26
CA TYR A 148 -25.76 -10.78 8.43
C TYR A 148 -24.74 -9.79 8.89
N ILE A 149 -24.97 -8.54 8.60
CA ILE A 149 -24.17 -7.43 9.17
C ILE A 149 -25.09 -6.58 10.00
N ILE A 150 -24.60 -6.11 11.14
CA ILE A 150 -25.39 -5.38 12.15
C ILE A 150 -24.56 -4.19 12.61
N ASP A 151 -25.14 -3.37 13.48
CA ASP A 151 -24.45 -2.31 14.22
C ASP A 151 -24.04 -1.22 13.25
N PHE A 152 -25.04 -0.44 12.80
CA PHE A 152 -24.90 0.75 11.94
C PHE A 152 -24.81 2.02 12.78
N GLY A 153 -24.38 1.91 14.04
CA GLY A 153 -24.18 3.08 14.93
C GLY A 153 -23.12 4.07 14.42
N LEU A 154 -22.10 3.61 13.69
CA LEU A 154 -20.94 4.47 13.27
C LEU A 154 -20.99 4.71 11.76
N ALA A 155 -22.06 4.29 11.09
CA ALA A 155 -22.18 4.33 9.61
C ALA A 155 -22.56 5.73 9.18
N LYS A 156 -22.18 6.11 7.99
CA LYS A 156 -22.58 7.42 7.42
C LYS A 156 -22.61 7.35 5.90
N LYS A 157 -23.36 8.27 5.30
CA LYS A 157 -23.39 8.52 3.85
C LYS A 157 -21.97 8.89 3.40
N TYR A 158 -21.46 8.25 2.34
CA TYR A 158 -20.23 8.66 1.62
C TYR A 158 -20.58 9.34 0.30
N ARG A 159 -21.83 9.25 -0.17
CA ARG A 159 -22.25 9.98 -1.36
C ARG A 159 -23.65 10.50 -1.17
N ASP A 160 -23.94 11.66 -1.74
CA ASP A 160 -25.30 12.18 -1.89
C ASP A 160 -26.18 11.11 -2.55
N ALA A 161 -27.39 10.93 -2.05
CA ALA A 161 -28.31 9.85 -2.45
C ALA A 161 -28.83 10.12 -3.88
N ARG A 162 -28.94 11.40 -4.28
CA ARG A 162 -29.50 11.82 -5.61
C ARG A 162 -28.37 11.89 -6.67
N THR A 163 -27.33 12.67 -6.40
CA THR A 163 -26.30 13.04 -7.39
C THR A 163 -25.15 12.03 -7.39
N HIS A 164 -25.04 11.20 -6.35
CA HIS A 164 -23.91 10.26 -6.12
C HIS A 164 -22.59 11.03 -6.11
N GLN A 165 -22.63 12.34 -5.80
CA GLN A 165 -21.46 13.14 -5.36
C GLN A 165 -20.87 12.50 -4.10
N HIS A 166 -19.63 12.01 -4.18
CA HIS A 166 -18.82 11.46 -3.05
C HIS A 166 -18.59 12.57 -2.03
N ILE A 167 -18.45 12.23 -0.75
CA ILE A 167 -18.04 13.19 0.33
C ILE A 167 -16.62 13.65 0.05
N PRO A 168 -16.28 14.89 0.44
CA PRO A 168 -14.97 15.46 0.12
C PRO A 168 -13.85 14.76 0.90
N TYR A 169 -12.63 14.77 0.37
CA TYR A 169 -11.40 14.36 1.10
C TYR A 169 -11.20 15.31 2.28
N ARG A 170 -10.96 14.75 3.47
CA ARG A 170 -10.62 15.54 4.67
C ARG A 170 -9.69 14.69 5.53
N GLU A 171 -8.95 15.36 6.39
CA GLU A 171 -7.88 14.78 7.23
C GLU A 171 -8.21 15.11 8.70
N ASN A 172 -7.30 14.76 9.61
CA ASN A 172 -7.37 15.14 11.04
C ASN A 172 -8.67 14.58 11.64
N LYS A 173 -9.25 13.55 11.02
CA LYS A 173 -10.45 12.80 11.48
C LYS A 173 -10.03 11.80 12.57
N ASN A 174 -10.80 11.72 13.65
CA ASN A 174 -10.47 10.87 14.84
C ASN A 174 -10.84 9.40 14.52
N LEU A 175 -10.23 8.45 15.23
CA LEU A 175 -10.40 7.00 15.02
C LEU A 175 -11.88 6.61 15.20
N THR A 176 -12.54 6.16 14.13
CA THR A 176 -13.96 5.73 14.14
C THR A 176 -14.03 4.22 13.88
N GLY A 177 -14.58 3.48 14.85
CA GLY A 177 -14.66 2.02 14.83
C GLY A 177 -13.62 1.37 15.74
N THR A 178 -12.97 0.31 15.28
CA THR A 178 -12.19 -0.58 16.15
C THR A 178 -10.72 -0.55 15.76
N ALA A 179 -9.83 -0.30 16.73
CA ALA A 179 -8.37 -0.15 16.55
C ALA A 179 -7.78 -1.38 15.82
N ARG A 180 -8.14 -2.57 16.25
CA ARG A 180 -7.54 -3.83 15.76
C ARG A 180 -7.71 -3.97 14.23
N TYR A 181 -8.85 -3.54 13.69
CA TYR A 181 -9.31 -3.84 12.31
C TYR A 181 -9.30 -2.58 11.43
N ALA A 182 -8.98 -1.40 11.99
CA ALA A 182 -8.99 -0.10 11.27
C ALA A 182 -7.98 -0.12 10.11
N SER A 183 -8.35 0.51 9.00
CA SER A 183 -7.45 0.79 7.85
C SER A 183 -6.27 1.65 8.31
N ILE A 184 -5.14 1.56 7.61
CA ILE A 184 -4.02 2.48 7.82
C ILE A 184 -4.49 3.94 7.60
N ASN A 185 -5.37 4.18 6.60
CA ASN A 185 -5.93 5.54 6.30
C ASN A 185 -6.65 6.09 7.53
N THR A 186 -7.33 5.23 8.29
CA THR A 186 -8.11 5.61 9.49
C THR A 186 -7.14 6.02 10.59
N HIS A 187 -6.08 5.23 10.83
CA HIS A 187 -5.00 5.57 11.79
C HIS A 187 -4.36 6.93 11.43
N LEU A 188 -4.23 7.26 10.14
CA LEU A 188 -3.62 8.55 9.68
C LEU A 188 -4.61 9.71 9.80
N GLY A 189 -5.87 9.45 10.13
CA GLY A 189 -6.89 10.48 10.39
C GLY A 189 -7.56 10.90 9.12
N ILE A 190 -7.52 10.06 8.10
CA ILE A 190 -8.16 10.34 6.80
C ILE A 190 -9.62 9.91 6.87
N GLU A 191 -10.53 10.77 6.38
CA GLU A 191 -11.97 10.46 6.18
C GLU A 191 -12.09 9.06 5.58
N GLN A 192 -12.92 8.21 6.19
CA GLN A 192 -13.17 6.81 5.74
C GLN A 192 -14.04 6.84 4.48
N SER A 193 -13.84 5.88 3.61
CA SER A 193 -14.65 5.69 2.38
C SER A 193 -14.77 4.20 2.14
N ARG A 194 -15.23 3.81 0.98
CA ARG A 194 -15.54 2.42 0.65
C ARG A 194 -14.31 1.54 0.87
N ARG A 195 -13.14 2.01 0.48
CA ARG A 195 -11.90 1.20 0.52
C ARG A 195 -11.61 0.70 1.96
N ASP A 196 -11.89 1.55 2.96
CA ASP A 196 -11.57 1.30 4.38
C ASP A 196 -12.44 0.13 4.93
N ASP A 197 -13.72 0.06 4.58
CA ASP A 197 -14.62 -1.07 4.92
C ASP A 197 -13.99 -2.36 4.37
N LEU A 198 -13.48 -2.33 3.14
CA LEU A 198 -12.93 -3.55 2.50
C LEU A 198 -11.56 -3.89 3.10
N GLU A 199 -10.75 -2.88 3.42
CA GLU A 199 -9.39 -3.10 4.00
C GLU A 199 -9.55 -3.72 5.41
N SER A 200 -10.52 -3.28 6.17
CA SER A 200 -10.84 -3.85 7.50
C SER A 200 -11.24 -5.31 7.36
N LEU A 201 -12.09 -5.62 6.41
CA LEU A 201 -12.51 -7.01 6.15
C LEU A 201 -11.26 -7.87 5.89
N GLY A 202 -10.29 -7.30 5.18
CA GLY A 202 -9.01 -8.00 4.89
C GLY A 202 -8.27 -8.39 6.17
N TYR A 203 -8.22 -7.48 7.15
CA TYR A 203 -7.62 -7.72 8.46
C TYR A 203 -8.45 -8.80 9.18
N VAL A 204 -9.78 -8.74 9.07
CA VAL A 204 -10.69 -9.73 9.70
C VAL A 204 -10.36 -11.12 9.12
N LEU A 205 -10.23 -11.26 7.80
CA LEU A 205 -9.97 -12.57 7.17
C LEU A 205 -8.60 -13.15 7.63
N MET A 206 -7.59 -12.32 7.79
CA MET A 206 -6.25 -12.80 8.22
C MET A 206 -6.24 -13.04 9.74
N TYR A 207 -7.05 -12.31 10.48
CA TYR A 207 -7.36 -12.59 11.92
C TYR A 207 -7.92 -14.02 12.08
N PHE A 208 -8.91 -14.40 11.25
CA PHE A 208 -9.52 -15.75 11.24
C PHE A 208 -8.46 -16.80 10.85
N ASN A 209 -7.55 -16.46 9.93
CA ASN A 209 -6.48 -17.39 9.46
C ASN A 209 -5.50 -17.64 10.59
N LEU A 210 -5.15 -16.61 11.36
CA LEU A 210 -3.96 -16.61 12.24
C LEU A 210 -4.38 -16.98 13.66
N GLY A 211 -5.53 -16.50 14.09
CA GLY A 211 -6.00 -16.62 15.50
C GLY A 211 -5.81 -15.32 16.24
N SER A 212 -4.94 -14.46 15.74
CA SER A 212 -4.82 -13.06 16.22
C SER A 212 -4.02 -12.29 15.19
N LEU A 213 -3.95 -10.98 15.32
CA LEU A 213 -3.13 -10.12 14.46
C LEU A 213 -1.89 -9.69 15.22
N PRO A 214 -0.77 -9.39 14.52
CA PRO A 214 0.49 -9.14 15.20
C PRO A 214 0.53 -7.79 15.95
N TRP A 215 -0.53 -6.99 15.86
CA TRP A 215 -0.68 -5.72 16.62
C TRP A 215 -1.71 -5.86 17.74
N GLN A 216 -2.02 -7.10 18.11
CA GLN A 216 -2.84 -7.44 19.29
C GLN A 216 -1.95 -7.52 20.53
N GLY A 217 -2.53 -7.16 21.68
CA GLY A 217 -1.88 -7.18 23.00
C GLY A 217 -0.59 -6.41 23.02
N LEU A 218 -0.59 -5.20 22.48
CA LEU A 218 0.55 -4.26 22.64
C LEU A 218 0.40 -3.54 23.98
N LYS A 219 1.40 -3.62 24.85
CA LYS A 219 1.46 -2.91 26.17
C LYS A 219 1.45 -1.40 25.91
N ALA A 220 0.54 -0.65 26.55
CA ALA A 220 0.57 0.82 26.60
C ALA A 220 -0.03 1.35 27.92
N ALA A 221 0.44 2.53 28.37
CA ALA A 221 0.04 3.20 29.61
C ALA A 221 -1.42 3.69 29.52
N THR A 222 -1.87 4.13 28.34
CA THR A 222 -3.21 4.75 28.10
C THR A 222 -3.94 4.01 26.96
N LYS A 223 -5.17 4.42 26.64
CA LYS A 223 -5.89 4.04 25.40
C LYS A 223 -5.25 4.72 24.18
N ARG A 224 -4.77 5.96 24.34
CA ARG A 224 -4.23 6.80 23.23
C ARG A 224 -2.86 6.24 22.82
N GLN A 225 -1.98 6.00 23.80
CA GLN A 225 -0.57 5.53 23.58
C GLN A 225 -0.60 4.17 22.89
N LYS A 226 -1.77 3.56 22.90
CA LYS A 226 -2.00 2.17 22.54
C LYS A 226 -2.46 2.11 21.09
N TYR A 227 -3.45 2.95 20.71
CA TYR A 227 -3.85 3.20 19.31
C TYR A 227 -2.62 3.62 18.53
N GLU A 228 -1.68 4.30 19.17
CA GLU A 228 -0.44 4.79 18.51
C GLU A 228 0.52 3.60 18.29
N ARG A 229 0.64 2.67 19.25
CA ARG A 229 1.45 1.43 19.11
C ARG A 229 0.84 0.54 18.00
N ILE A 230 -0.48 0.46 17.93
CA ILE A 230 -1.21 -0.41 16.97
C ILE A 230 -1.00 0.21 15.58
N SER A 231 -1.10 1.54 15.49
CA SER A 231 -0.84 2.32 14.27
C SER A 231 0.56 2.02 13.73
N GLU A 232 1.56 2.07 14.60
CA GLU A 232 3.01 1.96 14.22
C GLU A 232 3.27 0.55 13.73
N LYS A 233 2.77 -0.43 14.46
CA LYS A 233 2.96 -1.87 14.21
C LYS A 233 2.32 -2.26 12.88
N LYS A 234 1.12 -1.76 12.63
CA LYS A 234 0.35 -1.97 11.39
C LYS A 234 1.12 -1.42 10.19
N MET A 235 1.59 -0.18 10.31
CA MET A 235 2.27 0.52 9.21
C MET A 235 3.67 -0.09 8.99
N SER A 236 4.24 -0.78 9.99
CA SER A 236 5.60 -1.33 9.89
C SER A 236 5.57 -2.86 9.65
N THR A 237 4.39 -3.42 9.41
CA THR A 237 4.21 -4.85 9.09
C THR A 237 3.83 -4.99 7.61
N PRO A 238 4.77 -5.39 6.75
CA PRO A 238 4.45 -5.60 5.35
C PRO A 238 3.32 -6.64 5.19
N ILE A 239 2.44 -6.38 4.26
CA ILE A 239 1.34 -7.28 3.88
C ILE A 239 1.90 -8.70 3.62
N GLU A 240 3.09 -8.85 3.04
CA GLU A 240 3.61 -10.21 2.76
C GLU A 240 4.10 -10.88 4.06
N VAL A 241 4.43 -10.11 5.10
CA VAL A 241 4.79 -10.70 6.44
C VAL A 241 3.49 -11.13 7.18
N LEU A 242 2.47 -10.26 7.17
CA LEU A 242 1.14 -10.53 7.74
C LEU A 242 0.60 -11.86 7.18
N CYS A 243 0.73 -12.08 5.88
CA CYS A 243 0.00 -13.12 5.13
C CYS A 243 0.90 -14.32 4.86
N LYS A 244 2.13 -14.32 5.40
CA LYS A 244 3.09 -15.43 5.18
C LYS A 244 2.46 -16.77 5.60
N GLY A 245 2.59 -17.79 4.75
CA GLY A 245 2.14 -19.15 5.05
C GLY A 245 0.71 -19.38 4.64
N TYR A 246 0.03 -18.35 4.12
CA TYR A 246 -1.40 -18.40 3.71
C TYR A 246 -1.45 -18.13 2.23
N PRO A 247 -2.51 -18.56 1.54
CA PRO A 247 -2.66 -18.29 0.11
C PRO A 247 -2.47 -16.82 -0.24
N SER A 248 -1.78 -16.59 -1.35
CA SER A 248 -1.36 -15.23 -1.79
C SER A 248 -2.59 -14.34 -1.92
N GLU A 249 -3.81 -14.91 -2.08
CA GLU A 249 -5.04 -14.15 -2.39
C GLU A 249 -5.34 -13.16 -1.25
N PHE A 250 -4.97 -13.50 -0.03
CA PHE A 250 -5.20 -12.64 1.17
C PHE A 250 -4.33 -11.38 1.07
N ALA A 251 -3.08 -11.53 0.56
CA ALA A 251 -2.13 -10.42 0.31
C ALA A 251 -2.62 -9.58 -0.87
N THR A 252 -3.03 -10.23 -1.97
CA THR A 252 -3.53 -9.57 -3.20
C THR A 252 -4.73 -8.72 -2.84
N TYR A 253 -5.67 -9.30 -2.10
CA TYR A 253 -6.87 -8.59 -1.60
C TYR A 253 -6.44 -7.31 -0.86
N LEU A 254 -5.54 -7.41 0.10
CA LEU A 254 -5.17 -6.23 0.94
C LEU A 254 -4.35 -5.19 0.10
N ASN A 255 -3.57 -5.65 -0.87
CA ASN A 255 -2.75 -4.74 -1.72
C ASN A 255 -3.70 -3.95 -2.61
N PHE A 256 -4.74 -4.61 -3.08
CA PHE A 256 -5.81 -3.97 -3.88
C PHE A 256 -6.51 -2.91 -3.02
N CYS A 257 -7.01 -3.27 -1.87
CA CYS A 257 -7.71 -2.29 -0.98
C CYS A 257 -6.81 -1.08 -0.70
N ARG A 258 -5.53 -1.30 -0.46
CA ARG A 258 -4.55 -0.24 -0.08
C ARG A 258 -4.24 0.67 -1.30
N SER A 259 -4.46 0.18 -2.51
CA SER A 259 -4.19 0.91 -3.78
C SER A 259 -5.37 1.80 -4.19
N LEU A 260 -6.57 1.54 -3.63
CA LEU A 260 -7.79 2.26 -3.99
C LEU A 260 -7.63 3.72 -3.58
N ARG A 261 -8.09 4.62 -4.43
CA ARG A 261 -8.17 6.05 -4.14
C ARG A 261 -9.43 6.29 -3.30
N PHE A 262 -9.44 7.39 -2.58
CA PHE A 262 -10.45 7.78 -1.61
C PHE A 262 -11.85 7.62 -2.22
N ASP A 263 -12.10 8.08 -3.46
CA ASP A 263 -13.47 8.07 -4.03
C ASP A 263 -13.60 6.97 -5.08
N ASP A 264 -12.64 6.05 -5.16
CA ASP A 264 -12.70 4.89 -6.09
C ASP A 264 -13.87 3.97 -5.70
N LYS A 265 -14.67 3.54 -6.66
CA LYS A 265 -15.57 2.38 -6.55
C LYS A 265 -14.72 1.11 -6.57
N PRO A 266 -14.71 0.31 -5.48
CA PRO A 266 -14.02 -0.97 -5.50
C PRO A 266 -14.58 -1.89 -6.57
N ASP A 267 -13.72 -2.74 -7.11
CA ASP A 267 -14.11 -3.89 -7.94
C ASP A 267 -14.46 -5.08 -7.01
N TYR A 268 -15.65 -5.05 -6.40
CA TYR A 268 -16.17 -6.08 -5.49
C TYR A 268 -16.11 -7.43 -6.19
N SER A 269 -16.40 -7.42 -7.46
CA SER A 269 -16.51 -8.62 -8.32
C SER A 269 -15.16 -9.30 -8.46
N TYR A 270 -14.13 -8.51 -8.73
CA TYR A 270 -12.72 -8.97 -8.80
C TYR A 270 -12.35 -9.62 -7.44
N LEU A 271 -12.62 -8.95 -6.33
CA LEU A 271 -12.21 -9.39 -4.98
C LEU A 271 -12.93 -10.72 -4.65
N ARG A 272 -14.21 -10.81 -4.92
CA ARG A 272 -14.98 -12.08 -4.72
C ARG A 272 -14.36 -13.18 -5.58
N GLN A 273 -13.99 -12.85 -6.82
CA GLN A 273 -13.52 -13.84 -7.82
C GLN A 273 -12.13 -14.35 -7.40
N LEU A 274 -11.30 -13.50 -6.76
CA LEU A 274 -9.96 -13.88 -6.24
C LEU A 274 -10.15 -15.12 -5.39
N PHE A 275 -11.09 -15.02 -4.44
CA PHE A 275 -11.33 -16.04 -3.40
C PHE A 275 -12.03 -17.25 -4.00
N ARG A 276 -12.95 -17.05 -4.93
CA ARG A 276 -13.67 -18.15 -5.62
C ARG A 276 -12.68 -18.99 -6.42
N ASN A 277 -11.74 -18.36 -7.12
CA ASN A 277 -10.69 -19.08 -7.89
C ASN A 277 -9.86 -19.92 -6.89
N LEU A 278 -9.50 -19.36 -5.72
CA LEU A 278 -8.77 -20.11 -4.65
C LEU A 278 -9.65 -21.26 -4.17
N PHE A 279 -10.91 -20.98 -3.91
CA PHE A 279 -11.90 -21.97 -3.44
C PHE A 279 -11.95 -23.17 -4.43
N HIS A 280 -11.97 -22.89 -5.72
CA HIS A 280 -12.10 -23.91 -6.80
C HIS A 280 -10.82 -24.73 -6.92
N ARG A 281 -9.64 -24.11 -6.76
CA ARG A 281 -8.32 -24.80 -6.87
CA ARG A 281 -8.30 -24.76 -6.85
C ARG A 281 -8.18 -25.77 -5.70
N GLN A 282 -8.81 -25.47 -4.56
CA GLN A 282 -8.79 -26.32 -3.35
C GLN A 282 -9.80 -27.46 -3.50
N GLY A 283 -10.69 -27.38 -4.49
CA GLY A 283 -11.75 -28.39 -4.72
C GLY A 283 -12.91 -28.29 -3.73
N PHE A 284 -13.07 -27.16 -3.03
CA PHE A 284 -14.17 -26.90 -2.08
C PHE A 284 -15.51 -26.67 -2.84
N SER A 285 -16.62 -27.11 -2.25
CA SER A 285 -18.01 -26.83 -2.74
C SER A 285 -18.67 -25.75 -1.87
N TYR A 286 -19.43 -24.84 -2.52
CA TYR A 286 -20.24 -23.78 -1.85
C TYR A 286 -21.51 -24.44 -1.29
N ASP A 287 -21.34 -25.28 -0.25
CA ASP A 287 -22.41 -26.11 0.38
C ASP A 287 -22.75 -25.53 1.77
N TYR A 288 -22.11 -24.42 2.17
CA TYR A 288 -22.38 -23.71 3.43
C TYR A 288 -22.08 -24.62 4.62
N VAL A 289 -21.22 -25.62 4.47
CA VAL A 289 -20.80 -26.46 5.63
C VAL A 289 -19.60 -25.80 6.30
N PHE A 290 -19.87 -24.96 7.30
CA PHE A 290 -18.86 -24.22 8.05
C PHE A 290 -18.26 -25.15 9.11
N ASP A 291 -17.12 -24.79 9.65
CA ASP A 291 -16.45 -25.58 10.71
C ASP A 291 -17.43 -25.86 11.87
N TRP A 292 -18.22 -24.88 12.29
CA TRP A 292 -19.08 -25.01 13.49
C TRP A 292 -20.21 -26.02 13.25
N ASN A 293 -20.55 -26.28 11.99
CA ASN A 293 -21.61 -27.26 11.61
C ASN A 293 -21.12 -28.67 11.94
N MET A 294 -19.82 -28.84 12.16
CA MET A 294 -19.17 -30.15 12.43
C MET A 294 -19.09 -30.42 13.94
N LEU A 295 -19.24 -29.41 14.79
CA LEU A 295 -19.17 -29.56 16.26
C LEU A 295 -20.21 -30.61 16.70
N LYS A 296 -19.79 -31.64 17.47
CA LYS A 296 -20.69 -32.73 17.97
C LYS A 296 -21.33 -32.29 19.29
N LEU B 5 48.96 14.85 -14.25
CA LEU B 5 50.03 13.82 -14.43
C LEU B 5 49.57 12.75 -15.43
N ARG B 6 50.51 11.93 -15.92
CA ARG B 6 50.27 10.69 -16.71
C ARG B 6 49.49 9.70 -15.85
N VAL B 7 48.88 8.72 -16.51
CA VAL B 7 48.23 7.53 -15.89
C VAL B 7 48.15 6.47 -16.98
N GLY B 8 48.61 5.25 -16.72
CA GLY B 8 48.48 4.11 -17.64
C GLY B 8 49.04 4.41 -19.03
N ASN B 9 50.10 5.24 -19.08
CA ASN B 9 50.92 5.56 -20.30
C ASN B 9 50.22 6.61 -21.19
N ARG B 10 48.92 6.43 -21.48
CA ARG B 10 48.20 7.11 -22.58
C ARG B 10 47.07 8.00 -22.07
N TYR B 11 46.95 8.20 -20.76
CA TYR B 11 45.89 9.03 -20.12
C TYR B 11 46.56 10.21 -19.43
N ARG B 12 45.94 11.36 -19.54
CA ARG B 12 46.33 12.58 -18.79
C ARG B 12 45.22 12.91 -17.80
N LEU B 13 45.55 13.11 -16.54
CA LEU B 13 44.56 13.50 -15.50
C LEU B 13 44.30 14.99 -15.61
N GLY B 14 43.04 15.39 -15.59
CA GLY B 14 42.61 16.80 -15.45
C GLY B 14 42.05 17.07 -14.07
N ARG B 15 41.24 18.11 -13.95
CA ARG B 15 40.62 18.55 -12.68
C ARG B 15 39.38 17.71 -12.39
N LYS B 16 38.91 17.75 -11.16
CA LYS B 16 37.71 17.03 -10.69
C LYS B 16 36.49 17.52 -11.49
N ILE B 17 35.52 16.64 -11.73
CA ILE B 17 34.21 17.02 -12.35
C ILE B 17 33.05 16.58 -11.45
N ASP B 24 36.97 9.72 -6.21
CA ASP B 24 36.50 10.95 -6.89
C ASP B 24 36.81 10.85 -8.40
N ILE B 25 36.14 11.68 -9.20
CA ILE B 25 36.10 11.64 -10.70
C ILE B 25 36.80 12.88 -11.26
N TYR B 26 37.67 12.70 -12.24
CA TYR B 26 38.49 13.77 -12.87
C TYR B 26 38.23 13.74 -14.40
N LEU B 27 38.31 14.91 -15.04
CA LEU B 27 38.45 15.00 -16.51
C LEU B 27 39.80 14.40 -16.89
N GLY B 28 39.85 13.65 -17.98
CA GLY B 28 41.06 13.06 -18.52
C GLY B 28 41.07 13.14 -20.02
N THR B 29 42.21 12.84 -20.63
CA THR B 29 42.33 12.64 -22.07
C THR B 29 42.96 11.31 -22.31
N ASP B 30 42.40 10.55 -23.21
CA ASP B 30 43.05 9.43 -23.90
C ASP B 30 43.94 10.05 -25.02
N ILE B 31 45.22 10.24 -24.71
CA ILE B 31 46.25 10.84 -25.60
C ILE B 31 46.33 10.05 -26.91
N ALA B 32 46.25 8.72 -26.85
CA ALA B 32 46.45 7.83 -27.99
C ALA B 32 45.26 7.90 -28.94
N ALA B 33 44.05 8.07 -28.40
CA ALA B 33 42.79 7.98 -29.18
C ALA B 33 42.33 9.38 -29.56
N GLY B 34 42.76 10.40 -28.81
CA GLY B 34 42.23 11.77 -28.97
C GLY B 34 40.77 11.86 -28.53
N GLU B 35 40.46 11.40 -27.32
CA GLU B 35 39.08 11.41 -26.75
C GLU B 35 39.14 11.85 -25.29
N GLU B 36 38.24 12.73 -24.86
CA GLU B 36 38.03 13.02 -23.42
C GLU B 36 37.46 11.74 -22.74
N VAL B 37 37.90 11.49 -21.52
CA VAL B 37 37.47 10.33 -20.68
C VAL B 37 37.17 10.88 -19.27
N ALA B 38 36.56 10.06 -18.42
CA ALA B 38 36.41 10.32 -16.99
C ALA B 38 37.30 9.34 -16.23
N ILE B 39 38.00 9.80 -15.22
CA ILE B 39 38.98 8.98 -14.44
C ILE B 39 38.59 9.02 -12.96
N LYS B 40 38.22 7.87 -12.41
CA LYS B 40 37.90 7.68 -10.99
C LYS B 40 39.16 7.16 -10.28
N LEU B 41 39.55 7.83 -9.19
CA LEU B 41 40.68 7.45 -8.31
C LEU B 41 40.14 6.96 -6.97
N GLU B 42 40.72 5.89 -6.45
CA GLU B 42 40.54 5.40 -5.06
C GLU B 42 41.92 5.11 -4.47
N CYS B 43 42.29 5.74 -3.35
CA CYS B 43 43.57 5.48 -2.63
CA CYS B 43 43.58 5.49 -2.65
C CYS B 43 43.79 3.97 -2.53
N VAL B 44 45.01 3.48 -2.89
CA VAL B 44 45.34 2.02 -2.85
C VAL B 44 45.15 1.52 -1.41
N LYS B 45 45.58 2.33 -0.43
CA LYS B 45 45.71 1.93 0.99
C LYS B 45 44.34 2.05 1.71
N THR B 46 43.34 2.64 1.04
CA THR B 46 41.97 2.86 1.59
C THR B 46 41.53 1.63 2.36
N LYS B 47 40.82 1.84 3.46
CA LYS B 47 40.35 0.80 4.40
C LYS B 47 39.38 -0.13 3.66
N HIS B 48 38.56 0.41 2.75
CA HIS B 48 37.34 -0.25 2.19
C HIS B 48 37.43 -0.33 0.65
N PRO B 49 38.44 -1.04 0.08
CA PRO B 49 38.70 -0.97 -1.37
C PRO B 49 37.58 -1.59 -2.22
N GLN B 50 36.97 -0.80 -3.11
CA GLN B 50 35.76 -1.17 -3.89
C GLN B 50 35.91 -0.82 -5.39
N LEU B 51 36.79 0.11 -5.77
CA LEU B 51 36.84 0.61 -7.17
C LEU B 51 36.95 -0.59 -8.12
N HIS B 52 37.91 -1.48 -7.84
CA HIS B 52 38.24 -2.68 -8.65
C HIS B 52 37.01 -3.61 -8.68
N ILE B 53 36.18 -3.53 -7.66
CA ILE B 53 34.88 -4.26 -7.59
C ILE B 53 33.86 -3.54 -8.48
N GLU B 54 33.72 -2.22 -8.38
CA GLU B 54 32.84 -1.39 -9.29
C GLU B 54 33.18 -1.70 -10.77
N SER B 55 34.47 -1.85 -11.07
CA SER B 55 34.98 -2.10 -12.45
C SER B 55 34.51 -3.48 -12.94
N LYS B 56 34.48 -4.47 -12.06
CA LYS B 56 34.09 -5.85 -12.43
C LYS B 56 32.60 -5.88 -12.77
N ILE B 57 31.80 -5.04 -12.09
CA ILE B 57 30.33 -4.92 -12.37
C ILE B 57 30.16 -4.26 -13.75
N TYR B 58 30.84 -3.15 -13.99
CA TYR B 58 30.80 -2.41 -15.27
C TYR B 58 31.15 -3.39 -16.41
N LYS B 59 32.13 -4.26 -16.16
CA LYS B 59 32.66 -5.24 -17.14
C LYS B 59 31.60 -6.27 -17.51
N MET B 60 30.85 -6.81 -16.54
CA MET B 60 29.70 -7.73 -16.79
C MET B 60 28.59 -6.99 -17.57
N MET B 61 28.46 -5.67 -17.41
CA MET B 61 27.36 -4.83 -17.99
C MET B 61 27.71 -4.40 -19.42
N GLN B 62 28.97 -4.51 -19.86
CA GLN B 62 29.47 -3.88 -21.12
C GLN B 62 28.67 -4.44 -22.29
N GLY B 63 28.40 -3.60 -23.30
CA GLY B 63 27.47 -3.89 -24.40
C GLY B 63 26.10 -3.34 -24.09
N GLY B 64 25.76 -3.20 -22.81
CA GLY B 64 24.49 -2.65 -22.33
C GLY B 64 24.30 -1.20 -22.76
N VAL B 65 23.18 -0.93 -23.39
CA VAL B 65 22.65 0.43 -23.65
C VAL B 65 22.73 1.27 -22.37
N GLY B 66 23.37 2.45 -22.41
CA GLY B 66 23.40 3.41 -21.28
C GLY B 66 24.22 2.89 -20.11
N ILE B 67 25.10 1.92 -20.36
CA ILE B 67 26.20 1.54 -19.43
C ILE B 67 27.50 2.15 -19.93
N PRO B 68 28.18 3.00 -19.14
CA PRO B 68 29.44 3.59 -19.58
C PRO B 68 30.48 2.51 -19.87
N THR B 69 31.29 2.74 -20.90
CA THR B 69 32.43 1.89 -21.31
C THR B 69 33.59 2.11 -20.36
N ILE B 70 34.13 1.05 -19.81
CA ILE B 70 35.39 1.07 -19.01
C ILE B 70 36.56 0.89 -19.96
N ARG B 71 37.49 1.84 -20.00
CA ARG B 71 38.60 1.85 -21.00
C ARG B 71 39.84 1.19 -20.40
N TRP B 72 40.06 1.35 -19.11
CA TRP B 72 41.28 0.86 -18.42
C TRP B 72 41.06 0.91 -16.91
N CYS B 73 41.56 -0.11 -16.21
CA CYS B 73 41.74 -0.17 -14.75
C CYS B 73 43.17 -0.58 -14.42
N GLY B 74 43.69 -0.04 -13.32
CA GLY B 74 45.05 -0.28 -12.84
C GLY B 74 45.34 0.63 -11.68
N ALA B 75 46.61 0.81 -11.34
CA ALA B 75 47.06 1.64 -10.21
C ALA B 75 48.06 2.66 -10.73
N GLU B 76 48.24 3.74 -10.00
CA GLU B 76 49.17 4.82 -10.35
C GLU B 76 49.50 5.59 -9.09
N GLY B 77 50.77 5.64 -8.70
CA GLY B 77 51.20 6.16 -7.39
C GLY B 77 50.32 5.65 -6.27
N ASP B 78 49.67 6.56 -5.56
CA ASP B 78 48.88 6.28 -4.33
C ASP B 78 47.44 5.88 -4.68
N TYR B 79 47.12 5.55 -5.95
CA TYR B 79 45.73 5.51 -6.48
C TYR B 79 45.47 4.22 -7.27
N ASN B 80 44.34 3.58 -7.02
CA ASN B 80 43.64 2.74 -8.02
C ASN B 80 42.94 3.68 -9.01
N VAL B 81 42.79 3.22 -10.26
CA VAL B 81 42.39 4.05 -11.41
C VAL B 81 41.35 3.28 -12.20
N MET B 82 40.19 3.90 -12.44
CA MET B 82 39.22 3.43 -13.45
C MET B 82 39.00 4.52 -14.47
N VAL B 83 39.36 4.27 -15.71
CA VAL B 83 39.11 5.18 -16.84
C VAL B 83 37.88 4.71 -17.56
N MET B 84 36.93 5.62 -17.77
CA MET B 84 35.65 5.34 -18.39
C MET B 84 35.29 6.43 -19.40
N GLU B 85 34.36 6.12 -20.28
CA GLU B 85 33.61 7.07 -21.15
C GLU B 85 33.30 8.34 -20.33
N LEU B 86 33.50 9.51 -20.91
CA LEU B 86 33.02 10.80 -20.37
C LEU B 86 31.54 10.93 -20.72
N LEU B 87 30.71 11.18 -19.71
CA LEU B 87 29.26 11.41 -19.88
C LEU B 87 28.95 12.88 -19.65
N GLY B 88 27.72 13.28 -19.94
CA GLY B 88 27.26 14.65 -19.78
C GLY B 88 26.88 14.97 -18.35
N PRO B 89 26.01 15.97 -18.16
CA PRO B 89 25.50 16.31 -16.83
C PRO B 89 24.45 15.29 -16.32
N SER B 90 24.32 15.21 -15.01
CA SER B 90 23.31 14.37 -14.30
C SER B 90 21.92 14.95 -14.56
N LEU B 91 20.87 14.16 -14.33
CA LEU B 91 19.47 14.64 -14.44
C LEU B 91 19.21 15.71 -13.33
N GLU B 92 19.92 15.67 -12.20
CA GLU B 92 19.85 16.75 -11.15
C GLU B 92 20.42 18.06 -11.72
N ASP B 93 21.59 18.00 -12.33
CA ASP B 93 22.22 19.17 -12.98
C ASP B 93 21.26 19.75 -14.01
N LEU B 94 20.73 18.91 -14.90
CA LEU B 94 19.84 19.34 -16.01
C LEU B 94 18.54 19.92 -15.43
N PHE B 95 18.03 19.31 -14.38
CA PHE B 95 16.83 19.78 -13.62
C PHE B 95 17.10 21.20 -13.06
N ASN B 96 18.22 21.41 -12.39
CA ASN B 96 18.62 22.75 -11.86
C ASN B 96 18.73 23.74 -13.03
N PHE B 97 19.24 23.27 -14.15
CA PHE B 97 19.49 24.11 -15.34
C PHE B 97 18.14 24.49 -15.96
N CYS B 98 17.12 23.67 -15.77
CA CYS B 98 15.77 23.88 -16.35
C CYS B 98 14.85 24.50 -15.29
N SER B 99 15.43 25.09 -14.26
CA SER B 99 14.71 25.79 -13.16
C SER B 99 13.79 24.81 -12.41
N ARG B 100 14.27 23.58 -12.20
CA ARG B 100 13.65 22.57 -11.31
C ARG B 100 12.19 22.32 -11.74
N LYS B 101 11.93 22.39 -13.04
CA LYS B 101 10.64 22.04 -13.67
C LYS B 101 10.93 21.31 -14.97
N PHE B 102 10.57 20.04 -15.09
CA PHE B 102 10.53 19.30 -16.37
C PHE B 102 9.08 19.28 -16.90
N SER B 103 8.91 19.40 -18.21
CA SER B 103 7.64 19.13 -18.92
C SER B 103 7.28 17.65 -18.79
N LEU B 104 6.01 17.31 -18.85
CA LEU B 104 5.54 15.92 -18.68
C LEU B 104 6.16 15.04 -19.78
N LYS B 105 6.36 15.57 -20.96
CA LYS B 105 6.96 14.82 -22.08
C LYS B 105 8.40 14.44 -21.69
N THR B 106 9.13 15.34 -21.02
CA THR B 106 10.54 15.06 -20.60
C THR B 106 10.54 13.99 -19.52
N VAL B 107 9.60 14.04 -18.59
CA VAL B 107 9.46 13.03 -17.51
C VAL B 107 9.20 11.65 -18.13
N LEU B 108 8.38 11.57 -19.15
CA LEU B 108 7.97 10.27 -19.77
C LEU B 108 9.11 9.72 -20.61
N LEU B 109 9.80 10.58 -21.37
CA LEU B 109 11.01 10.19 -22.11
C LEU B 109 12.04 9.60 -21.12
N LEU B 110 12.32 10.30 -20.04
CA LEU B 110 13.25 9.84 -18.97
C LEU B 110 12.72 8.54 -18.33
N ALA B 111 11.45 8.49 -17.97
CA ALA B 111 10.86 7.29 -17.34
C ALA B 111 11.12 6.07 -18.20
N ASP B 112 10.93 6.18 -19.52
CA ASP B 112 10.98 5.03 -20.46
C ASP B 112 12.39 4.42 -20.44
N GLN B 113 13.43 5.24 -20.47
CA GLN B 113 14.83 4.72 -20.49
C GLN B 113 15.22 4.25 -19.09
N MET B 114 14.88 5.02 -18.07
CA MET B 114 15.30 4.77 -16.69
C MET B 114 14.74 3.40 -16.20
N ILE B 115 13.51 3.03 -16.57
CA ILE B 115 12.93 1.70 -16.20
C ILE B 115 13.74 0.62 -16.93
N SER B 116 14.10 0.87 -18.19
CA SER B 116 14.91 -0.05 -19.03
C SER B 116 16.32 -0.22 -18.49
N ARG B 117 16.94 0.84 -17.95
CA ARG B 117 18.32 0.75 -17.40
C ARG B 117 18.26 -0.16 -16.19
N ILE B 118 17.27 0.04 -15.34
CA ILE B 118 17.11 -0.72 -14.08
C ILE B 118 16.80 -2.17 -14.43
N GLU B 119 15.95 -2.41 -15.39
CA GLU B 119 15.64 -3.80 -15.82
C GLU B 119 16.93 -4.48 -16.32
N TYR B 120 17.74 -3.76 -17.12
CA TYR B 120 19.00 -4.31 -17.63
C TYR B 120 19.90 -4.77 -16.47
N ILE B 121 20.07 -3.91 -15.47
CA ILE B 121 20.91 -4.19 -14.29
C ILE B 121 20.39 -5.45 -13.60
N HIS B 122 19.09 -5.56 -13.46
CA HIS B 122 18.42 -6.67 -12.74
C HIS B 122 18.66 -7.95 -13.54
N SER B 123 18.67 -7.86 -14.88
CA SER B 123 18.90 -9.00 -15.80
C SER B 123 20.34 -9.52 -15.63
N LYS B 124 21.20 -8.72 -15.05
CA LYS B 124 22.62 -9.10 -14.78
C LYS B 124 22.77 -9.56 -13.33
N ASN B 125 21.66 -9.71 -12.60
CA ASN B 125 21.62 -10.33 -11.26
C ASN B 125 22.06 -9.32 -10.21
N PHE B 126 21.99 -8.03 -10.50
CA PHE B 126 22.35 -6.97 -9.53
C PHE B 126 21.12 -6.15 -9.23
N ILE B 127 21.11 -5.55 -8.05
CA ILE B 127 20.28 -4.37 -7.71
C ILE B 127 21.23 -3.22 -7.45
N HIS B 128 20.84 -2.03 -7.87
CA HIS B 128 21.67 -0.82 -7.88
C HIS B 128 21.77 -0.26 -6.46
N ARG B 129 20.60 0.00 -5.84
CA ARG B 129 20.41 0.44 -4.42
C ARG B 129 20.81 1.89 -4.23
N ASP B 130 20.97 2.66 -5.31
CA ASP B 130 21.30 4.08 -5.20
C ASP B 130 20.64 4.85 -6.33
N VAL B 131 19.36 4.60 -6.56
CA VAL B 131 18.55 5.24 -7.61
C VAL B 131 18.20 6.66 -7.18
N LYS B 132 18.74 7.66 -7.88
CA LYS B 132 18.57 9.10 -7.58
C LYS B 132 18.96 9.90 -8.81
N PRO B 133 18.46 11.14 -8.99
CA PRO B 133 18.69 11.90 -10.22
C PRO B 133 20.17 12.15 -10.46
N ASP B 134 21.00 12.07 -9.41
CA ASP B 134 22.47 12.35 -9.44
C ASP B 134 23.22 11.19 -10.15
N ASN B 135 22.62 10.02 -10.28
CA ASN B 135 23.31 8.80 -10.74
C ASN B 135 22.80 8.38 -12.11
N PHE B 136 21.98 9.22 -12.72
CA PHE B 136 21.60 9.17 -14.14
C PHE B 136 22.21 10.38 -14.86
N LEU B 137 23.05 10.13 -15.85
CA LEU B 137 23.77 11.19 -16.63
C LEU B 137 23.31 11.09 -18.09
N MET B 138 23.11 12.18 -18.79
CA MET B 138 22.92 12.10 -20.27
C MET B 138 24.31 11.81 -20.93
N GLY B 139 24.34 11.03 -22.03
CA GLY B 139 25.50 10.84 -22.91
C GLY B 139 25.89 12.15 -23.59
N LEU B 140 27.03 12.15 -24.30
CA LEU B 140 27.54 13.32 -25.10
C LEU B 140 27.53 12.94 -26.56
N GLY B 141 27.39 13.93 -27.45
CA GLY B 141 27.62 13.74 -28.88
C GLY B 141 26.57 12.81 -29.44
N LYS B 142 26.98 11.73 -30.06
CA LYS B 142 26.05 10.81 -30.78
C LYS B 142 25.18 10.06 -29.75
N LYS B 143 25.61 10.06 -28.47
CA LYS B 143 24.94 9.34 -27.34
C LYS B 143 24.16 10.33 -26.47
N GLY B 144 23.91 11.54 -26.99
CA GLY B 144 23.36 12.72 -26.26
C GLY B 144 21.89 12.59 -25.89
N ASN B 145 21.16 11.65 -26.49
CA ASN B 145 19.73 11.37 -26.20
C ASN B 145 19.60 10.14 -25.26
N LEU B 146 20.74 9.54 -24.83
CA LEU B 146 20.77 8.32 -23.98
C LEU B 146 20.96 8.72 -22.54
N VAL B 147 20.10 8.17 -21.66
CA VAL B 147 20.28 8.19 -20.19
C VAL B 147 21.19 7.02 -19.79
N TYR B 148 22.30 7.34 -19.14
CA TYR B 148 23.22 6.35 -18.55
C TYR B 148 22.94 6.27 -17.07
N ILE B 149 23.25 5.13 -16.50
CA ILE B 149 23.30 4.93 -15.03
C ILE B 149 24.75 4.71 -14.62
N ILE B 150 25.16 5.32 -13.53
CA ILE B 150 26.52 5.21 -12.97
C ILE B 150 26.43 4.87 -11.47
N ASP B 151 27.58 4.69 -10.85
CA ASP B 151 27.74 4.62 -9.38
C ASP B 151 27.19 3.28 -8.89
N PHE B 152 27.92 2.21 -9.20
CA PHE B 152 27.65 0.81 -8.78
C PHE B 152 28.40 0.50 -7.49
N GLY B 153 28.78 1.52 -6.72
CA GLY B 153 29.43 1.40 -5.40
C GLY B 153 28.60 0.62 -4.37
N LEU B 154 27.26 0.68 -4.43
CA LEU B 154 26.34 0.12 -3.40
C LEU B 154 25.57 -1.05 -3.97
N ALA B 155 25.88 -1.46 -5.19
CA ALA B 155 25.15 -2.53 -5.91
C ALA B 155 25.50 -3.86 -5.30
N LYS B 156 24.62 -4.84 -5.40
CA LYS B 156 24.94 -6.21 -4.99
C LYS B 156 24.09 -7.20 -5.76
N LYS B 157 24.57 -8.43 -5.81
CA LYS B 157 23.84 -9.61 -6.34
C LYS B 157 22.60 -9.82 -5.47
N TYR B 158 21.46 -10.05 -6.11
CA TYR B 158 20.19 -10.41 -5.44
C TYR B 158 19.85 -11.86 -5.77
N ARG B 159 20.60 -12.50 -6.68
CA ARG B 159 20.50 -13.96 -6.96
C ARG B 159 21.83 -14.49 -7.53
N GLN B 165 18.46 -18.61 -7.72
CA GLN B 165 17.91 -18.56 -6.33
C GLN B 165 18.14 -17.15 -5.75
N HIS B 166 17.06 -16.50 -5.36
CA HIS B 166 17.02 -15.10 -4.79
C HIS B 166 17.75 -15.07 -3.45
N ILE B 167 18.30 -13.90 -3.06
CA ILE B 167 18.84 -13.68 -1.68
C ILE B 167 17.72 -13.79 -0.65
N PRO B 168 18.04 -14.24 0.59
CA PRO B 168 17.01 -14.41 1.62
C PRO B 168 16.44 -13.06 2.09
N TYR B 169 15.19 -13.08 2.58
CA TYR B 169 14.51 -11.97 3.30
C TYR B 169 15.28 -11.67 4.58
N ARG B 170 15.58 -10.42 4.84
CA ARG B 170 16.38 -9.99 6.00
C ARG B 170 15.97 -8.58 6.37
N GLU B 171 16.29 -8.15 7.59
CA GLU B 171 16.04 -6.77 8.09
C GLU B 171 17.35 -6.19 8.60
N ASN B 172 18.03 -5.40 7.76
CA ASN B 172 19.39 -4.84 7.98
C ASN B 172 19.38 -3.36 7.56
N LYS B 173 19.89 -2.46 8.41
CA LYS B 173 20.02 -0.99 8.13
C LYS B 173 20.45 -0.77 6.67
N GLY B 177 21.80 3.86 0.47
CA GLY B 177 21.94 5.03 -0.43
C GLY B 177 21.38 6.30 0.19
N THR B 178 20.47 6.97 -0.55
CA THR B 178 19.97 8.35 -0.28
C THR B 178 18.55 8.29 0.31
N ALA B 179 18.37 8.95 1.45
CA ALA B 179 17.12 8.94 2.24
C ALA B 179 15.94 9.44 1.39
N ARG B 180 16.12 10.51 0.64
CA ARG B 180 15.01 11.21 -0.04
C ARG B 180 14.24 10.26 -0.98
N TYR B 181 14.94 9.32 -1.62
CA TYR B 181 14.38 8.41 -2.67
C TYR B 181 14.30 6.96 -2.17
N ALA B 182 14.62 6.69 -0.90
CA ALA B 182 14.57 5.32 -0.33
C ALA B 182 13.13 4.82 -0.31
N SER B 183 12.93 3.55 -0.65
CA SER B 183 11.65 2.81 -0.49
C SER B 183 11.23 2.85 0.98
N ILE B 184 9.95 2.74 1.23
CA ILE B 184 9.35 2.52 2.58
C ILE B 184 9.99 1.28 3.20
N ASN B 185 10.18 0.21 2.44
CA ASN B 185 10.77 -1.05 2.94
C ASN B 185 12.21 -0.83 3.42
N THR B 186 12.93 0.07 2.78
CA THR B 186 14.32 0.44 3.16
C THR B 186 14.29 1.18 4.51
N HIS B 187 13.35 2.12 4.69
CA HIS B 187 13.17 2.85 5.96
C HIS B 187 12.85 1.85 7.09
N LEU B 188 12.13 0.76 6.81
CA LEU B 188 11.74 -0.25 7.84
C LEU B 188 12.89 -1.23 8.11
N GLY B 189 14.00 -1.11 7.38
CA GLY B 189 15.23 -1.88 7.62
C GLY B 189 15.19 -3.19 6.86
N ILE B 190 14.32 -3.31 5.88
CA ILE B 190 14.23 -4.51 5.01
C ILE B 190 15.33 -4.44 3.93
N GLU B 191 16.03 -5.56 3.75
CA GLU B 191 16.91 -5.88 2.59
C GLU B 191 16.28 -5.34 1.32
N GLN B 192 17.04 -4.62 0.50
CA GLN B 192 16.58 -4.12 -0.81
C GLN B 192 16.55 -5.25 -1.81
N SER B 193 15.60 -5.22 -2.71
CA SER B 193 15.49 -6.15 -3.85
C SER B 193 15.03 -5.33 -5.03
N ARG B 194 14.65 -6.00 -6.11
CA ARG B 194 14.34 -5.35 -7.41
C ARG B 194 13.28 -4.25 -7.23
N ARG B 195 12.23 -4.51 -6.46
CA ARG B 195 11.08 -3.59 -6.26
C ARG B 195 11.55 -2.23 -5.72
N ASP B 196 12.60 -2.21 -4.90
CA ASP B 196 13.10 -1.00 -4.18
C ASP B 196 13.78 -0.05 -5.17
N ASP B 197 14.52 -0.60 -6.14
CA ASP B 197 15.13 0.15 -7.25
C ASP B 197 13.97 0.86 -8.01
N LEU B 198 12.88 0.16 -8.26
CA LEU B 198 11.75 0.70 -9.07
C LEU B 198 10.95 1.69 -8.23
N GLU B 199 10.79 1.44 -6.95
CA GLU B 199 10.01 2.37 -6.06
C GLU B 199 10.77 3.67 -5.96
N SER B 200 12.07 3.62 -5.81
CA SER B 200 12.95 4.83 -5.77
C SER B 200 12.79 5.62 -7.09
N LEU B 201 12.77 4.95 -8.24
CA LEU B 201 12.60 5.63 -9.53
C LEU B 201 11.25 6.35 -9.53
N GLY B 202 10.21 5.73 -8.96
CA GLY B 202 8.89 6.35 -8.80
C GLY B 202 8.97 7.68 -8.05
N TYR B 203 9.73 7.74 -6.95
CA TYR B 203 9.91 9.00 -6.19
C TYR B 203 10.73 9.98 -7.06
N VAL B 204 11.64 9.45 -7.88
CA VAL B 204 12.46 10.33 -8.76
C VAL B 204 11.52 11.00 -9.78
N LEU B 205 10.59 10.25 -10.37
CA LEU B 205 9.61 10.77 -11.38
C LEU B 205 8.72 11.85 -10.77
N MET B 206 8.28 11.68 -9.55
CA MET B 206 7.36 12.64 -8.91
C MET B 206 8.15 13.84 -8.37
N TYR B 207 9.40 13.63 -8.01
CA TYR B 207 10.39 14.72 -7.72
C TYR B 207 10.48 15.67 -8.92
N PHE B 208 10.68 15.11 -10.11
CA PHE B 208 10.79 15.86 -11.39
C PHE B 208 9.48 16.59 -11.67
N ASN B 209 8.33 15.98 -11.33
CA ASN B 209 6.98 16.56 -11.58
C ASN B 209 6.80 17.77 -10.67
N LEU B 210 7.29 17.72 -9.44
CA LEU B 210 6.84 18.63 -8.32
C LEU B 210 7.86 19.73 -8.13
N GLY B 211 9.15 19.42 -8.30
CA GLY B 211 10.28 20.30 -7.99
C GLY B 211 10.95 19.89 -6.70
N SER B 212 10.25 19.17 -5.86
CA SER B 212 10.75 18.64 -4.59
C SER B 212 9.75 17.62 -4.08
N LEU B 213 10.12 16.84 -3.07
CA LEU B 213 9.21 15.87 -2.45
C LEU B 213 8.81 16.39 -1.07
N PRO B 214 7.63 16.00 -0.52
CA PRO B 214 7.12 16.67 0.67
C PRO B 214 7.88 16.27 1.95
N TRP B 215 8.86 15.38 1.83
CA TRP B 215 9.74 14.95 2.95
C TRP B 215 11.16 15.47 2.75
N GLN B 216 11.32 16.45 1.86
CA GLN B 216 12.61 17.13 1.53
C GLN B 216 12.84 18.27 2.50
N GLY B 217 14.09 18.43 2.97
CA GLY B 217 14.52 19.51 3.86
C GLY B 217 13.67 19.61 5.10
N LEU B 218 13.42 18.50 5.78
CA LEU B 218 12.80 18.46 7.12
C LEU B 218 13.84 18.89 8.16
N LYS B 219 13.48 19.87 9.02
CA LYS B 219 14.34 20.38 10.11
C LYS B 219 14.65 19.24 11.10
N ALA B 220 15.94 19.00 11.42
CA ALA B 220 16.39 17.95 12.37
C ALA B 220 17.73 18.31 13.01
N ALA B 221 17.99 17.77 14.20
CA ALA B 221 19.21 18.01 15.01
C ALA B 221 20.32 17.02 14.59
N THR B 222 20.00 15.75 14.36
CA THR B 222 20.98 14.67 14.01
C THR B 222 20.57 13.96 12.72
N LYS B 223 21.42 13.06 12.22
CA LYS B 223 21.23 12.28 10.97
C LYS B 223 20.21 11.17 11.21
N ARG B 224 20.18 10.60 12.40
CA ARG B 224 19.22 9.52 12.77
C ARG B 224 17.82 10.12 12.90
N GLN B 225 17.69 11.29 13.56
CA GLN B 225 16.40 12.00 13.80
C GLN B 225 15.78 12.36 12.45
N LYS B 226 16.60 12.30 11.41
CA LYS B 226 16.27 12.81 10.06
C LYS B 226 15.75 11.66 9.22
N TYR B 227 16.48 10.54 9.19
CA TYR B 227 16.03 9.28 8.55
C TYR B 227 14.64 8.98 9.11
N GLU B 228 14.44 9.26 10.40
CA GLU B 228 13.21 8.92 11.14
C GLU B 228 12.08 9.89 10.72
N ARG B 229 12.38 11.17 10.59
CA ARG B 229 11.38 12.21 10.20
C ARG B 229 11.00 12.04 8.71
N ILE B 230 11.97 11.67 7.87
CA ILE B 230 11.70 11.41 6.42
C ILE B 230 10.82 10.19 6.34
N SER B 231 11.15 9.16 7.13
CA SER B 231 10.44 7.87 7.24
C SER B 231 8.97 8.14 7.55
N GLU B 232 8.72 9.02 8.54
CA GLU B 232 7.37 9.25 9.11
C GLU B 232 6.52 9.95 8.05
N LYS B 233 7.09 11.00 7.45
CA LYS B 233 6.41 11.86 6.47
C LYS B 233 6.07 11.03 5.22
N LYS B 234 6.98 10.18 4.81
CA LYS B 234 6.82 9.25 3.66
C LYS B 234 5.67 8.30 3.94
N MET B 235 5.67 7.67 5.11
CA MET B 235 4.71 6.60 5.45
C MET B 235 3.33 7.21 5.70
N SER B 236 3.27 8.53 5.95
CA SER B 236 2.02 9.23 6.29
C SER B 236 1.53 10.08 5.13
N THR B 237 2.17 10.02 3.99
CA THR B 237 1.75 10.73 2.74
C THR B 237 1.19 9.72 1.75
N PRO B 238 -0.13 9.64 1.57
CA PRO B 238 -0.70 8.69 0.62
C PRO B 238 -0.18 8.99 -0.80
N ILE B 239 0.04 7.93 -1.56
CA ILE B 239 0.43 8.00 -2.98
C ILE B 239 -0.52 8.95 -3.71
N GLU B 240 -1.83 8.90 -3.45
CA GLU B 240 -2.79 9.76 -4.21
C GLU B 240 -2.66 11.23 -3.76
N VAL B 241 -2.13 11.52 -2.55
CA VAL B 241 -1.82 12.94 -2.16
C VAL B 241 -0.49 13.39 -2.82
N LEU B 242 0.55 12.55 -2.78
CA LEU B 242 1.87 12.85 -3.44
C LEU B 242 1.65 13.23 -4.92
N CYS B 243 0.78 12.51 -5.60
CA CYS B 243 0.59 12.53 -7.06
C CYS B 243 -0.62 13.36 -7.44
N LYS B 244 -1.24 14.06 -6.47
CA LYS B 244 -2.43 14.91 -6.76
C LYS B 244 -2.07 15.94 -7.83
N GLY B 245 -2.94 16.10 -8.84
CA GLY B 245 -2.78 17.08 -9.92
C GLY B 245 -1.88 16.57 -11.07
N TYR B 246 -1.35 15.34 -10.97
CA TYR B 246 -0.47 14.73 -12.00
C TYR B 246 -1.15 13.50 -12.55
N PRO B 247 -0.83 13.07 -13.78
CA PRO B 247 -1.51 11.93 -14.40
C PRO B 247 -1.51 10.69 -13.49
N SER B 248 -2.61 9.95 -13.51
CA SER B 248 -2.85 8.80 -12.59
C SER B 248 -1.71 7.77 -12.70
N GLU B 249 -0.98 7.76 -13.84
CA GLU B 249 0.03 6.68 -14.13
C GLU B 249 1.17 6.72 -13.10
N PHE B 250 1.47 7.89 -12.53
CA PHE B 250 2.52 8.06 -11.51
C PHE B 250 2.12 7.35 -10.20
N ALA B 251 0.83 7.38 -9.86
CA ALA B 251 0.24 6.72 -8.68
C ALA B 251 0.21 5.22 -8.95
N THR B 252 -0.29 4.81 -10.13
CA THR B 252 -0.39 3.40 -10.56
C THR B 252 1.00 2.76 -10.47
N TYR B 253 2.00 3.44 -10.98
CA TYR B 253 3.42 2.99 -10.94
C TYR B 253 3.82 2.72 -9.46
N LEU B 254 3.61 3.68 -8.56
CA LEU B 254 4.08 3.57 -7.16
C LEU B 254 3.30 2.50 -6.40
N ASN B 255 1.98 2.42 -6.61
CA ASN B 255 1.11 1.40 -5.99
C ASN B 255 1.59 0.01 -6.44
N PHE B 256 1.92 -0.13 -7.71
CA PHE B 256 2.44 -1.42 -8.24
C PHE B 256 3.76 -1.76 -7.54
N CYS B 257 4.74 -0.88 -7.55
CA CYS B 257 6.05 -1.15 -6.87
C CYS B 257 5.85 -1.52 -5.42
N ARG B 258 4.92 -0.85 -4.71
CA ARG B 258 4.68 -1.05 -3.25
CA ARG B 258 4.71 -1.07 -3.26
C ARG B 258 3.99 -2.41 -3.02
N SER B 259 3.32 -2.95 -4.04
CA SER B 259 2.57 -4.25 -3.94
C SER B 259 3.49 -5.45 -4.19
N LEU B 260 4.68 -5.22 -4.73
CA LEU B 260 5.62 -6.29 -5.15
C LEU B 260 6.13 -6.99 -3.89
N ARG B 261 6.21 -8.29 -3.95
CA ARG B 261 6.84 -9.10 -2.90
C ARG B 261 8.35 -9.05 -3.09
N PHE B 262 9.07 -9.26 -2.00
CA PHE B 262 10.53 -9.19 -1.89
C PHE B 262 11.22 -9.87 -3.08
N ASP B 263 10.82 -11.08 -3.48
CA ASP B 263 11.53 -11.86 -4.53
C ASP B 263 10.78 -11.80 -5.87
N ASP B 264 9.69 -11.03 -5.97
CA ASP B 264 8.91 -10.86 -7.23
C ASP B 264 9.82 -10.27 -8.32
N LYS B 265 9.77 -10.85 -9.52
CA LYS B 265 10.21 -10.21 -10.78
C LYS B 265 9.21 -9.13 -11.16
N PRO B 266 9.61 -7.85 -11.21
CA PRO B 266 8.71 -6.80 -11.67
C PRO B 266 8.23 -7.04 -13.11
N ASP B 267 7.05 -6.54 -13.41
CA ASP B 267 6.54 -6.39 -14.78
C ASP B 267 7.02 -5.05 -15.37
N TYR B 268 8.29 -4.96 -15.71
CA TYR B 268 8.95 -3.75 -16.29
C TYR B 268 8.15 -3.29 -17.48
N SER B 269 7.69 -4.24 -18.28
CA SER B 269 6.95 -4.03 -19.54
C SER B 269 5.61 -3.33 -19.28
N TYR B 270 4.85 -3.81 -18.32
CA TYR B 270 3.59 -3.17 -17.85
C TYR B 270 3.91 -1.71 -17.41
N LEU B 271 4.96 -1.50 -16.63
CA LEU B 271 5.33 -0.14 -16.10
C LEU B 271 5.72 0.79 -17.28
N ARG B 272 6.51 0.29 -18.22
CA ARG B 272 6.90 1.09 -19.43
C ARG B 272 5.62 1.41 -20.22
N GLN B 273 4.70 0.44 -20.33
CA GLN B 273 3.45 0.54 -21.15
C GLN B 273 2.50 1.55 -20.52
N LEU B 274 2.48 1.67 -19.18
CA LEU B 274 1.71 2.72 -18.47
C LEU B 274 2.06 4.06 -19.05
N PHE B 275 3.35 4.37 -19.10
CA PHE B 275 3.87 5.73 -19.46
C PHE B 275 3.74 5.94 -20.97
N ARG B 276 3.96 4.89 -21.77
CA ARG B 276 3.88 4.93 -23.25
C ARG B 276 2.43 5.22 -23.64
N ASN B 277 1.47 4.56 -22.99
CA ASN B 277 0.03 4.82 -23.24
C ASN B 277 -0.27 6.30 -22.95
N LEU B 278 0.21 6.82 -21.83
CA LEU B 278 0.00 8.25 -21.45
C LEU B 278 0.70 9.15 -22.46
N PHE B 279 1.92 8.81 -22.87
CA PHE B 279 2.71 9.54 -23.88
C PHE B 279 1.87 9.71 -25.15
N HIS B 280 1.24 8.62 -25.60
CA HIS B 280 0.44 8.54 -26.86
C HIS B 280 -0.86 9.36 -26.70
N ARG B 281 -1.50 9.27 -25.53
CA ARG B 281 -2.78 9.98 -25.26
CA ARG B 281 -2.78 9.99 -25.21
C ARG B 281 -2.54 11.49 -25.25
N GLN B 282 -1.34 11.93 -24.85
CA GLN B 282 -0.95 13.37 -24.80
C GLN B 282 -0.56 13.88 -26.19
N GLY B 283 -0.42 12.99 -27.18
CA GLY B 283 -0.09 13.38 -28.57
C GLY B 283 1.38 13.76 -28.74
N PHE B 284 2.25 13.33 -27.81
CA PHE B 284 3.72 13.60 -27.84
C PHE B 284 4.39 12.77 -28.96
N SER B 285 5.45 13.31 -29.59
CA SER B 285 6.37 12.57 -30.51
C SER B 285 7.57 12.03 -29.72
N TYR B 286 7.97 10.78 -29.99
CA TYR B 286 9.16 10.14 -29.39
C TYR B 286 10.38 10.58 -30.20
N ASP B 287 10.86 11.80 -29.98
CA ASP B 287 11.90 12.45 -30.82
C ASP B 287 13.15 12.75 -30.00
N TYR B 288 13.21 12.34 -28.73
CA TYR B 288 14.33 12.65 -27.79
C TYR B 288 14.57 14.16 -27.65
N VAL B 289 13.59 14.98 -27.90
CA VAL B 289 13.71 16.45 -27.64
C VAL B 289 13.28 16.70 -26.20
N PHE B 290 14.23 16.70 -25.30
CA PHE B 290 14.06 17.01 -23.88
C PHE B 290 13.99 18.51 -23.68
N ASP B 291 13.53 18.95 -22.51
CA ASP B 291 13.39 20.40 -22.23
C ASP B 291 14.69 21.13 -22.52
N TRP B 292 15.81 20.61 -22.08
CA TRP B 292 17.13 21.29 -22.16
C TRP B 292 17.59 21.43 -23.63
N ASN B 293 17.06 20.61 -24.54
CA ASN B 293 17.36 20.65 -25.98
C ASN B 293 16.76 21.90 -26.60
N MET B 294 15.82 22.54 -25.90
CA MET B 294 15.06 23.70 -26.41
C MET B 294 15.70 25.01 -25.96
N LEU B 295 16.61 24.95 -24.97
CA LEU B 295 17.39 26.13 -24.49
C LEU B 295 18.04 26.86 -25.68
N LYS B 296 17.84 28.18 -25.76
CA LYS B 296 18.25 29.04 -26.91
C LYS B 296 19.69 29.49 -26.74
N ARG C 1 -14.36 -6.45 27.46
CA ARG C 1 -13.69 -6.51 26.11
C ARG C 1 -12.45 -5.60 26.13
N THR C 2 -11.35 -6.04 25.51
CA THR C 2 -10.12 -5.23 25.28
C THR C 2 -10.53 -3.94 24.55
N PRO C 3 -9.88 -2.79 24.84
CA PRO C 3 -10.22 -1.52 24.18
C PRO C 3 -9.77 -1.46 22.70
N SEP C 4 -8.77 -2.28 22.35
CA SEP C 4 -8.32 -2.39 20.96
CB SEP C 4 -7.01 -3.15 20.90
OG SEP C 4 -7.22 -4.38 21.58
C SEP C 4 -9.39 -3.07 20.12
O SEP C 4 -9.39 -2.93 18.91
P SEP C 4 -6.41 -5.65 21.15
O1P SEP C 4 -6.58 -5.86 19.63
O2P SEP C 4 -7.08 -6.77 21.98
O3P SEP C 4 -4.97 -5.40 21.55
N SER C 5 -10.28 -3.84 20.79
CA SER C 5 -11.32 -4.59 20.11
C SER C 5 -12.71 -3.93 20.29
N ALA C 6 -12.78 -2.85 21.08
CA ALA C 6 -14.03 -2.09 21.36
C ALA C 6 -14.30 -1.07 20.24
N SER C 7 -15.58 -0.96 19.82
CA SER C 7 -16.13 0.16 19.00
C SER C 7 -16.02 1.48 19.79
N THR C 8 -15.49 2.54 19.16
CA THR C 8 -15.17 3.86 19.79
C THR C 8 -15.98 4.98 19.12
PG ACP D . -20.65 -3.87 22.33
O1G ACP D . -19.18 -4.07 22.45
O2G ACP D . -21.19 -3.13 23.67
O3G ACP D . -21.39 -5.29 22.16
PB ACP D . -22.81 -2.61 20.76
O1B ACP D . -23.08 -1.54 19.76
O2B ACP D . -23.39 -2.16 22.19
C3B ACP D . -21.01 -2.83 20.90
PA ACP D . -24.96 -4.10 19.56
O1A ACP D . -25.85 -3.02 20.15
O2A ACP D . -24.79 -4.17 18.06
O3A ACP D . -23.48 -4.00 20.27
O5' ACP D . -25.51 -5.55 20.07
C5' ACP D . -25.26 -6.04 21.39
C4' ACP D . -25.25 -7.58 21.43
O4' ACP D . -26.50 -8.09 20.94
C3' ACP D . -24.17 -8.16 20.54
O3' ACP D . -23.48 -9.17 21.30
C2' ACP D . -24.87 -8.77 19.35
O2' ACP D . -24.31 -10.04 19.03
C1' ACP D . -26.30 -8.97 19.82
N9 ACP D . -27.31 -8.65 18.80
C8 ACP D . -27.55 -7.42 18.27
N7 ACP D . -28.62 -7.48 17.42
C5 ACP D . -29.04 -8.75 17.41
C6 ACP D . -30.09 -9.49 16.73
N6 ACP D . -30.89 -8.83 15.87
N1 ACP D . -30.24 -10.81 16.99
C2 ACP D . -29.43 -11.44 17.84
N3 ACP D . -28.42 -10.82 18.49
C4 ACP D . -28.20 -9.50 18.32
NA NA E . -24.38 -24.54 7.31
C1 EDO F . -25.70 -20.89 11.96
O1 EDO F . -24.63 -21.30 11.13
C2 EDO F . -25.27 -20.39 13.29
O2 EDO F . -25.00 -21.43 14.21
C1 EDO G . -13.87 -26.78 15.25
O1 EDO G . -12.84 -25.83 15.32
C2 EDO G . -14.43 -26.93 13.90
O2 EDO G . -14.83 -28.26 13.58
C1 EDO H . -13.52 -26.58 18.74
O1 EDO H . -13.42 -25.69 19.84
C2 EDO H . -13.79 -27.99 19.13
O2 EDO H . -14.69 -28.10 20.22
C1 EDO I . -18.37 -4.30 -8.69
O1 EDO I . -17.48 -5.29 -9.13
C2 EDO I . -19.79 -4.61 -9.00
O2 EDO I . -20.26 -5.79 -8.34
C1 EDO J . -18.43 5.33 -8.76
O1 EDO J . -17.50 5.95 -7.90
C2 EDO J . -19.66 4.90 -8.07
O2 EDO J . -20.01 5.73 -6.97
C1 EDO K . -21.52 0.16 -4.47
O1 EDO K . -20.42 1.04 -4.64
C2 EDO K . -22.11 -0.31 -5.74
O2 EDO K . -21.59 -1.56 -6.20
C1 EDO L . -17.44 -12.60 -8.34
O1 EDO L . -17.10 -12.50 -9.70
C2 EDO L . -18.86 -12.37 -8.08
O2 EDO L . -19.32 -11.13 -8.59
PG ACP M . 26.82 11.77 -5.44
O1G ACP M . 27.51 12.78 -6.29
O2G ACP M . 26.15 10.64 -6.38
O3G ACP M . 25.65 12.50 -4.61
PB ACP M . 29.52 10.28 -5.04
O1B ACP M . 29.42 8.80 -4.98
O2B ACP M . 30.81 10.73 -4.18
C3B ACP M . 28.02 11.02 -4.28
PA ACP M . 31.14 10.44 -7.40
O1A ACP M . 31.13 9.00 -7.91
O2A ACP M . 32.28 10.93 -6.57
O3A ACP M . 29.74 10.73 -6.60
O5' ACP M . 31.03 11.43 -8.70
C5' ACP M . 31.22 12.86 -8.58
C4' ACP M . 30.71 13.61 -9.83
O4' ACP M . 31.32 13.13 -11.03
C3' ACP M . 29.20 13.49 -10.05
O3' ACP M . 28.60 14.77 -9.88
C2' ACP M . 28.99 13.00 -11.47
O2' ACP M . 28.06 13.83 -12.21
C1' ACP M . 30.37 13.05 -12.10
N9 ACP M . 30.67 11.84 -12.91
C8 ACP M . 30.80 10.60 -12.44
N7 ACP M . 31.06 9.73 -13.46
C5 ACP M . 31.14 10.43 -14.59
C6 ACP M . 31.42 10.11 -16.01
N6 ACP M . 31.68 8.84 -16.40
N1 ACP M . 31.39 11.13 -16.90
C2 ACP M . 31.15 12.41 -16.51
N3 ACP M . 30.90 12.75 -15.21
C4 ACP M . 30.88 11.82 -14.23
S SO4 N . 16.97 16.26 1.85
O1 SO4 N . 18.14 15.40 1.92
O2 SO4 N . 15.96 15.62 1.05
O3 SO4 N . 16.46 16.51 3.18
O4 SO4 N . 17.33 17.51 1.24
C1 EDO O . 22.97 16.89 -22.51
O1 EDO O . 24.09 15.99 -22.58
C2 EDO O . 22.18 16.95 -23.79
O2 EDO O . 21.16 15.94 -23.88
#